data_3CC6
#
_entry.id   3CC6
#
_cell.length_a   37.450
_cell.length_b   96.140
_cell.length_c   43.200
_cell.angle_alpha   90.000
_cell.angle_beta   93.660
_cell.angle_gamma   90.000
#
_symmetry.space_group_name_H-M   'P 1 21 1'
#
loop_
_entity.id
_entity.type
_entity.pdbx_description
1 polymer 'Protein tyrosine kinase 2 beta'
2 non-polymer 'MAGNESIUM ION'
3 non-polymer GLYCEROL
4 water water
#
_entity_poly.entity_id   1
_entity_poly.type   'polypeptide(L)'
_entity_poly.pdbx_seq_one_letter_code
;SMGGPQYGIAREDVVLNRILGEGFFGEVYEGVYTNHKGEKINVAVKTCKKDCTLDNKEKFMSEAVIMKNLDHPHIVKLIG
IIEEEPTWIIMELYPYGELGHYLERNKNSLKVLTLVLYSLQICKAMAYLESINCVHRDIAVRNILVASPECVKLGDFGLS
RYIEDEDYYKASVTRLPIKWMSPESINFRRFTTASDVWMFAVCMWEILSFGKQPFFWLENKDVIGVLEKGDRLPKPDLCP
PVLYTLMTRCWDYDPSDRPRFTELVCSLSDVYQMEKDIAME
;
_entity_poly.pdbx_strand_id   A
#
loop_
_chem_comp.id
_chem_comp.type
_chem_comp.name
_chem_comp.formula
GOL non-polymer GLYCEROL 'C3 H8 O3'
MG non-polymer 'MAGNESIUM ION' 'Mg 2'
#
# COMPACT_ATOMS: atom_id res chain seq x y z
N GLY A 4 36.68 -8.47 1.38
CA GLY A 4 35.25 -8.86 1.33
C GLY A 4 34.63 -8.67 -0.05
N PRO A 5 33.68 -9.56 -0.42
CA PRO A 5 33.01 -9.49 -1.73
C PRO A 5 32.29 -8.16 -1.96
N GLN A 6 32.18 -7.74 -3.22
CA GLN A 6 31.40 -6.54 -3.58
C GLN A 6 29.97 -6.70 -3.06
N TYR A 7 29.48 -5.69 -2.36
CA TYR A 7 28.16 -5.75 -1.75
C TYR A 7 27.05 -5.27 -2.69
N GLY A 8 27.21 -4.06 -3.21
CA GLY A 8 26.13 -3.44 -3.98
C GLY A 8 25.85 -4.13 -5.30
N ILE A 9 24.71 -3.78 -5.89
CA ILE A 9 24.44 -4.12 -7.28
C ILE A 9 25.39 -3.31 -8.14
N ALA A 10 25.97 -3.95 -9.15
CA ALA A 10 26.76 -3.22 -10.15
C ALA A 10 25.80 -2.64 -11.18
N ARG A 11 26.07 -1.39 -11.61
CA ARG A 11 25.20 -0.73 -12.57
C ARG A 11 25.07 -1.51 -13.87
N GLU A 12 26.13 -2.22 -14.24
CA GLU A 12 26.18 -3.00 -15.48
C GLU A 12 25.23 -4.20 -15.44
N ASP A 13 24.89 -4.65 -14.24
CA ASP A 13 23.95 -5.76 -14.07
C ASP A 13 22.49 -5.32 -14.18
N VAL A 14 22.27 -4.02 -14.35
CA VAL A 14 20.91 -3.50 -14.57
C VAL A 14 20.81 -2.85 -15.95
N VAL A 15 19.94 -3.40 -16.81
CA VAL A 15 19.67 -2.85 -18.13
C VAL A 15 18.30 -2.14 -18.18
N LEU A 16 18.30 -0.86 -18.55
CA LEU A 16 17.07 -0.11 -18.68
C LEU A 16 16.47 -0.38 -20.05
N ASN A 17 15.18 -0.72 -20.08
CA ASN A 17 14.47 -1.09 -21.31
C ASN A 17 13.52 -0.03 -21.83
N ARG A 18 12.85 0.68 -20.92
CA ARG A 18 11.85 1.65 -21.34
C ARG A 18 11.43 2.50 -20.15
N ILE A 19 10.76 3.61 -20.43
CA ILE A 19 10.20 4.46 -19.39
C ILE A 19 8.97 3.78 -18.79
N LEU A 20 8.92 3.72 -17.46
CA LEU A 20 7.73 3.23 -16.79
C LEU A 20 6.80 4.41 -16.46
N GLY A 21 7.39 5.53 -16.07
CA GLY A 21 6.62 6.73 -15.70
C GLY A 21 7.41 7.82 -14.99
N GLU A 22 6.71 8.85 -14.57
CA GLU A 22 7.28 9.94 -13.77
C GLU A 22 6.93 9.78 -12.30
N GLY A 23 7.95 9.66 -11.45
CA GLY A 23 7.77 9.59 -10.00
C GLY A 23 8.05 10.93 -9.34
N PHE A 24 7.87 10.99 -8.02
CA PHE A 24 8.04 12.24 -7.27
C PHE A 24 9.41 12.89 -7.48
N PHE A 25 10.47 12.08 -7.36
CA PHE A 25 11.83 12.61 -7.40
C PHE A 25 12.45 12.63 -8.80
N GLY A 26 11.82 11.94 -9.75
CA GLY A 26 12.37 11.79 -11.09
C GLY A 26 11.75 10.66 -11.89
N GLU A 27 12.34 10.38 -13.05
CA GLU A 27 11.79 9.37 -13.96
C GLU A 27 12.02 7.95 -13.45
N VAL A 28 11.07 7.07 -13.74
CA VAL A 28 11.16 5.66 -13.36
C VAL A 28 11.23 4.84 -14.64
N TYR A 29 12.18 3.92 -14.69
CA TYR A 29 12.41 3.05 -15.84
C TYR A 29 12.08 1.60 -15.53
N GLU A 30 11.68 0.85 -16.55
CA GLU A 30 11.56 -0.58 -16.43
C GLU A 30 12.87 -1.15 -16.90
N GLY A 31 13.34 -2.17 -16.19
CA GLY A 31 14.64 -2.72 -16.53
C GLY A 31 14.73 -4.19 -16.15
N VAL A 32 15.90 -4.77 -16.41
N VAL A 32 15.90 -4.77 -16.41
CA VAL A 32 16.18 -6.15 -16.04
CA VAL A 32 16.18 -6.15 -16.06
C VAL A 32 17.50 -6.20 -15.27
C VAL A 32 17.49 -6.22 -15.28
N TYR A 33 17.43 -6.83 -14.10
CA TYR A 33 18.60 -7.02 -13.28
C TYR A 33 19.01 -8.49 -13.43
N THR A 34 20.30 -8.69 -13.73
CA THR A 34 20.89 -10.02 -13.85
C THR A 34 21.71 -10.28 -12.59
N ASN A 35 21.27 -11.29 -11.81
CA ASN A 35 21.98 -11.65 -10.58
C ASN A 35 23.18 -12.56 -10.84
N HIS A 36 23.87 -12.94 -9.77
CA HIS A 36 25.07 -13.77 -9.89
C HIS A 36 24.79 -15.17 -10.45
N LYS A 37 23.60 -15.71 -10.16
CA LYS A 37 23.19 -17.00 -10.70
C LYS A 37 22.74 -16.88 -12.17
N GLY A 38 22.77 -15.66 -12.70
CA GLY A 38 22.44 -15.41 -14.10
C GLY A 38 20.96 -15.18 -14.40
N GLU A 39 20.13 -15.30 -13.35
CA GLU A 39 18.68 -15.11 -13.46
C GLU A 39 18.32 -13.68 -13.87
N LYS A 40 17.24 -13.55 -14.64
CA LYS A 40 16.72 -12.25 -15.09
C LYS A 40 15.60 -11.82 -14.16
N ILE A 41 15.78 -10.70 -13.48
CA ILE A 41 14.78 -10.19 -12.56
C ILE A 41 14.26 -8.84 -13.07
N ASN A 42 12.97 -8.78 -13.34
N ASN A 42 12.96 -8.80 -13.34
CA ASN A 42 12.38 -7.54 -13.81
CA ASN A 42 12.28 -7.57 -13.73
C ASN A 42 12.21 -6.51 -12.71
C ASN A 42 12.36 -6.54 -12.62
N VAL A 43 12.74 -5.31 -12.97
CA VAL A 43 12.88 -4.27 -11.96
C VAL A 43 12.35 -2.94 -12.44
N ALA A 44 11.96 -2.11 -11.47
CA ALA A 44 11.64 -0.71 -11.68
C ALA A 44 12.81 0.07 -11.09
N VAL A 45 13.30 1.04 -11.85
CA VAL A 45 14.49 1.76 -11.46
C VAL A 45 14.09 3.22 -11.25
N LYS A 46 14.07 3.64 -10.00
CA LYS A 46 13.70 5.01 -9.68
C LYS A 46 14.95 5.87 -9.69
N THR A 47 14.82 7.06 -10.28
CA THR A 47 15.94 7.98 -10.36
C THR A 47 15.56 9.30 -9.72
N CYS A 48 16.58 10.10 -9.41
CA CYS A 48 16.40 11.40 -8.80
C CYS A 48 17.10 12.41 -9.69
N LYS A 49 16.42 13.51 -9.99
CA LYS A 49 16.97 14.55 -10.87
C LYS A 49 18.26 15.14 -10.26
N LYS A 50 19.29 15.24 -11.08
CA LYS A 50 20.63 15.67 -10.62
C LYS A 50 20.60 17.14 -10.14
N ASP A 51 19.59 17.86 -10.61
CA ASP A 51 19.37 19.27 -10.31
C ASP A 51 18.56 19.54 -9.04
N CYS A 52 17.92 18.49 -8.50
N CYS A 52 17.88 18.52 -8.51
CA CYS A 52 17.10 18.56 -7.28
CA CYS A 52 17.00 18.72 -7.36
C CYS A 52 17.84 19.21 -6.12
C CYS A 52 17.80 19.18 -6.13
N THR A 53 17.08 19.81 -5.20
CA THR A 53 17.67 20.33 -3.96
C THR A 53 18.25 19.18 -3.15
N LEU A 54 19.40 19.42 -2.51
CA LEU A 54 20.07 18.37 -1.74
C LEU A 54 19.15 17.82 -0.64
N ASP A 55 18.11 18.58 -0.30
CA ASP A 55 17.05 18.15 0.61
C ASP A 55 16.18 17.06 -0.01
N ASN A 56 15.76 17.28 -1.25
CA ASN A 56 15.02 16.27 -2.01
C ASN A 56 15.86 15.04 -2.31
N LYS A 57 17.17 15.25 -2.52
CA LYS A 57 18.13 14.16 -2.71
C LYS A 57 18.28 13.30 -1.44
N GLU A 58 18.35 13.97 -0.29
CA GLU A 58 18.34 13.30 1.01
C GLU A 58 17.06 12.49 1.25
N LYS A 59 15.90 13.09 0.97
CA LYS A 59 14.63 12.42 1.17
C LYS A 59 14.44 11.21 0.24
N PHE A 60 14.94 11.33 -0.99
CA PHE A 60 14.94 10.24 -1.96
C PHE A 60 15.73 9.05 -1.42
N MET A 61 16.90 9.34 -0.84
CA MET A 61 17.73 8.32 -0.22
C MET A 61 17.08 7.76 1.04
N SER A 62 16.43 8.63 1.82
CA SER A 62 15.76 8.21 3.06
C SER A 62 14.67 7.18 2.82
N GLU A 63 13.89 7.39 1.77
CA GLU A 63 12.82 6.44 1.40
C GLU A 63 13.42 5.12 0.93
N ALA A 64 14.51 5.19 0.16
CA ALA A 64 15.23 4.01 -0.27
C ALA A 64 15.70 3.21 0.94
N VAL A 65 16.28 3.91 1.93
CA VAL A 65 16.81 3.26 3.12
C VAL A 65 15.70 2.56 3.93
N ILE A 66 14.56 3.22 4.08
CA ILE A 66 13.42 2.56 4.74
C ILE A 66 12.97 1.31 3.99
N MET A 67 12.77 1.44 2.67
CA MET A 67 12.33 0.28 1.88
C MET A 67 13.35 -0.83 1.90
N LYS A 68 14.64 -0.47 1.92
CA LYS A 68 15.70 -1.49 1.96
C LYS A 68 15.62 -2.30 3.24
N ASN A 69 15.34 -1.62 4.35
CA ASN A 69 15.41 -2.25 5.67
C ASN A 69 14.10 -2.90 6.13
N LEU A 70 12.98 -2.57 5.49
CA LEU A 70 11.72 -3.13 5.96
C LEU A 70 11.71 -4.64 5.83
N ASP A 71 12.12 -5.14 4.67
CA ASP A 71 12.21 -6.58 4.39
C ASP A 71 11.06 -7.43 4.95
N HIS A 72 9.85 -7.07 4.54
CA HIS A 72 8.61 -7.70 5.02
C HIS A 72 7.91 -8.43 3.86
N PRO A 73 7.37 -9.65 4.10
CA PRO A 73 6.74 -10.37 3.00
C PRO A 73 5.58 -9.66 2.30
N HIS A 74 4.98 -8.68 2.96
CA HIS A 74 3.83 -7.94 2.42
C HIS A 74 4.12 -6.46 2.27
N ILE A 75 5.40 -6.16 2.04
CA ILE A 75 5.79 -4.83 1.59
C ILE A 75 6.71 -4.98 0.36
N VAL A 76 6.50 -4.15 -0.65
CA VAL A 76 7.26 -4.28 -1.92
C VAL A 76 8.78 -4.31 -1.67
N LYS A 77 9.46 -5.19 -2.41
CA LYS A 77 10.86 -5.47 -2.16
C LYS A 77 11.77 -4.47 -2.89
N LEU A 78 12.79 -4.00 -2.18
CA LEU A 78 13.87 -3.25 -2.81
C LEU A 78 15.00 -4.26 -3.07
N ILE A 79 15.51 -4.21 -4.29
CA ILE A 79 16.52 -5.15 -4.74
C ILE A 79 17.91 -4.61 -4.49
N GLY A 80 18.09 -3.30 -4.69
CA GLY A 80 19.36 -2.64 -4.41
C GLY A 80 19.35 -1.13 -4.58
N ILE A 81 20.44 -0.52 -4.14
CA ILE A 81 20.65 0.91 -4.30
C ILE A 81 22.02 1.12 -4.97
N ILE A 82 22.06 1.88 -6.05
CA ILE A 82 23.32 2.35 -6.61
C ILE A 82 23.36 3.83 -6.23
N GLU A 83 24.20 4.14 -5.24
N GLU A 83 24.21 4.16 -5.25
CA GLU A 83 24.27 5.50 -4.69
CA GLU A 83 24.24 5.51 -4.70
C GLU A 83 24.96 6.47 -5.64
C GLU A 83 25.05 6.50 -5.53
N GLU A 84 26.01 5.98 -6.30
CA GLU A 84 26.83 6.80 -7.20
C GLU A 84 25.98 7.39 -8.33
N GLU A 85 26.15 8.68 -8.60
CA GLU A 85 25.26 9.36 -9.54
C GLU A 85 25.49 8.94 -11.00
N PRO A 86 24.40 8.73 -11.76
CA PRO A 86 23.00 8.94 -11.35
C PRO A 86 22.48 7.84 -10.42
N THR A 87 21.91 8.25 -9.28
CA THR A 87 21.49 7.31 -8.23
C THR A 87 20.25 6.52 -8.64
N TRP A 88 20.38 5.19 -8.63
CA TRP A 88 19.30 4.28 -9.01
C TRP A 88 18.78 3.54 -7.77
N ILE A 89 17.46 3.61 -7.54
CA ILE A 89 16.80 2.74 -6.55
C ILE A 89 16.15 1.61 -7.34
N ILE A 90 16.60 0.39 -7.10
CA ILE A 90 16.19 -0.76 -7.87
C ILE A 90 15.13 -1.56 -7.08
N MET A 91 13.88 -1.51 -7.57
CA MET A 91 12.75 -2.18 -6.93
C MET A 91 12.31 -3.38 -7.74
N GLU A 92 11.84 -4.43 -7.06
CA GLU A 92 11.26 -5.55 -7.74
C GLU A 92 10.02 -5.13 -8.48
N LEU A 93 9.89 -5.58 -9.72
CA LEU A 93 8.68 -5.33 -10.50
C LEU A 93 7.79 -6.56 -10.43
N TYR A 94 6.49 -6.34 -10.21
CA TYR A 94 5.52 -7.43 -10.06
C TYR A 94 4.61 -7.52 -11.29
N PRO A 95 4.79 -8.57 -12.13
CA PRO A 95 4.07 -8.66 -13.39
C PRO A 95 2.53 -8.72 -13.27
N TYR A 96 2.00 -9.21 -12.15
CA TYR A 96 0.54 -9.24 -11.98
C TYR A 96 -0.07 -7.86 -11.82
N GLY A 97 0.75 -6.88 -11.42
CA GLY A 97 0.37 -5.48 -11.33
C GLY A 97 -0.37 -5.11 -10.06
N GLU A 98 -1.12 -4.02 -10.14
CA GLU A 98 -1.84 -3.46 -8.98
C GLU A 98 -2.99 -4.33 -8.57
N LEU A 99 -3.24 -4.36 -7.26
CA LEU A 99 -4.34 -5.14 -6.73
C LEU A 99 -5.72 -4.71 -7.24
N GLY A 100 -5.99 -3.40 -7.34
CA GLY A 100 -7.32 -2.96 -7.78
C GLY A 100 -7.68 -3.55 -9.13
N HIS A 101 -6.78 -3.40 -10.11
CA HIS A 101 -7.02 -3.97 -11.44
C HIS A 101 -7.08 -5.51 -11.44
N TYR A 102 -6.25 -6.15 -10.60
CA TYR A 102 -6.27 -7.60 -10.48
C TYR A 102 -7.66 -8.06 -9.99
N LEU A 103 -8.21 -7.36 -8.99
CA LEU A 103 -9.54 -7.72 -8.48
C LEU A 103 -10.63 -7.54 -9.53
N GLU A 104 -10.52 -6.47 -10.32
N GLU A 104 -10.52 -6.45 -10.29
CA GLU A 104 -11.51 -6.16 -11.35
CA GLU A 104 -11.50 -6.14 -11.35
C GLU A 104 -11.57 -7.23 -12.43
C GLU A 104 -11.57 -7.28 -12.35
N ARG A 105 -10.41 -7.68 -12.88
CA ARG A 105 -10.35 -8.68 -13.93
C ARG A 105 -10.63 -10.10 -13.44
N ASN A 106 -10.48 -10.33 -12.14
CA ASN A 106 -10.67 -11.67 -11.59
C ASN A 106 -11.93 -11.81 -10.72
N LYS A 107 -12.77 -10.78 -10.73
N LYS A 107 -12.76 -10.76 -10.73
CA LYS A 107 -13.98 -10.73 -9.90
CA LYS A 107 -14.00 -10.68 -9.96
C LYS A 107 -14.80 -12.02 -9.95
C LYS A 107 -14.88 -11.93 -9.99
N ASN A 108 -15.03 -12.54 -11.16
CA ASN A 108 -15.92 -13.67 -11.34
C ASN A 108 -15.37 -15.01 -10.88
N SER A 109 -14.09 -15.05 -10.51
CA SER A 109 -13.50 -16.28 -10.02
C SER A 109 -13.00 -16.20 -8.58
N LEU A 110 -12.87 -14.98 -8.06
CA LEU A 110 -12.31 -14.75 -6.73
C LEU A 110 -13.29 -15.17 -5.64
N LYS A 111 -12.78 -15.85 -4.63
CA LYS A 111 -13.55 -16.23 -3.45
C LYS A 111 -13.33 -15.22 -2.34
N VAL A 112 -14.34 -15.06 -1.48
CA VAL A 112 -14.25 -14.13 -0.35
C VAL A 112 -13.05 -14.45 0.57
N LEU A 113 -12.74 -15.74 0.74
N LEU A 113 -12.73 -15.74 0.74
CA LEU A 113 -11.57 -16.16 1.50
CA LEU A 113 -11.58 -16.13 1.56
C LEU A 113 -10.30 -15.43 1.12
C LEU A 113 -10.27 -15.44 1.13
N THR A 114 -10.09 -15.27 -0.19
CA THR A 114 -8.89 -14.69 -0.75
C THR A 114 -8.89 -13.19 -0.46
N LEU A 115 -10.06 -12.57 -0.54
CA LEU A 115 -10.18 -11.13 -0.22
C LEU A 115 -9.83 -10.88 1.26
N VAL A 116 -10.28 -11.76 2.14
CA VAL A 116 -9.91 -11.66 3.56
C VAL A 116 -8.40 -11.89 3.76
N LEU A 117 -7.82 -12.88 3.08
CA LEU A 117 -6.39 -13.09 3.12
C LEU A 117 -5.59 -11.83 2.73
N TYR A 118 -5.96 -11.20 1.62
CA TYR A 118 -5.23 -10.00 1.20
C TYR A 118 -5.34 -8.91 2.25
N SER A 119 -6.53 -8.75 2.82
CA SER A 119 -6.73 -7.77 3.91
C SER A 119 -5.81 -8.05 5.09
N LEU A 120 -5.72 -9.33 5.47
CA LEU A 120 -4.88 -9.75 6.57
C LEU A 120 -3.41 -9.51 6.26
N GLN A 121 -2.99 -9.83 5.04
CA GLN A 121 -1.59 -9.67 4.65
C GLN A 121 -1.17 -8.20 4.76
N ILE A 122 -1.99 -7.31 4.20
CA ILE A 122 -1.72 -5.87 4.33
C ILE A 122 -1.78 -5.42 5.78
N CYS A 123 -2.69 -6.00 6.54
CA CYS A 123 -2.78 -5.65 7.96
C CYS A 123 -1.51 -6.01 8.74
N LYS A 124 -0.91 -7.17 8.41
CA LYS A 124 0.36 -7.57 9.01
C LYS A 124 1.50 -6.60 8.69
N ALA A 125 1.55 -6.14 7.44
CA ALA A 125 2.54 -5.13 7.05
C ALA A 125 2.36 -3.89 7.91
N MET A 126 1.11 -3.50 8.06
CA MET A 126 0.80 -2.27 8.81
C MET A 126 1.09 -2.39 10.30
N ALA A 127 0.87 -3.58 10.87
CA ALA A 127 1.21 -3.80 12.27
C ALA A 127 2.71 -3.64 12.48
N TYR A 128 3.51 -4.06 11.51
CA TYR A 128 4.96 -3.88 11.61
C TYR A 128 5.28 -2.38 11.57
N LEU A 129 4.73 -1.67 10.60
CA LEU A 129 4.94 -0.20 10.55
C LEU A 129 4.48 0.53 11.82
N GLU A 130 3.32 0.13 12.35
CA GLU A 130 2.79 0.68 13.60
C GLU A 130 3.77 0.46 14.77
N SER A 131 4.46 -0.67 14.77
CA SER A 131 5.36 -1.00 15.89
C SER A 131 6.55 -0.04 15.99
N ILE A 132 6.86 0.64 14.90
CA ILE A 132 7.98 1.60 14.83
C ILE A 132 7.46 3.02 14.58
N ASN A 133 6.17 3.20 14.82
N ASN A 133 6.18 3.24 14.84
CA ASN A 133 5.45 4.47 14.63
CA ASN A 133 5.52 4.52 14.64
C ASN A 133 5.67 5.13 13.25
C ASN A 133 5.87 5.12 13.27
N CYS A 134 5.75 4.30 12.23
CA CYS A 134 6.01 4.72 10.87
C CYS A 134 4.69 4.86 10.13
N VAL A 135 4.35 6.08 9.72
CA VAL A 135 3.05 6.37 9.10
C VAL A 135 3.15 6.28 7.59
N HIS A 136 2.26 5.50 6.98
CA HIS A 136 2.41 5.15 5.58
C HIS A 136 1.71 6.13 4.61
N ARG A 137 0.43 6.39 4.86
CA ARG A 137 -0.39 7.40 4.16
C ARG A 137 -0.87 7.02 2.77
N ASP A 138 -0.52 5.84 2.24
CA ASP A 138 -1.04 5.44 0.93
C ASP A 138 -1.46 3.97 0.88
N ILE A 139 -2.42 3.62 1.74
CA ILE A 139 -2.90 2.22 1.86
C ILE A 139 -4.17 2.16 1.04
N ALA A 140 -3.99 1.72 -0.20
CA ALA A 140 -5.08 1.72 -1.18
C ALA A 140 -4.77 0.67 -2.24
N VAL A 141 -5.81 0.12 -2.86
CA VAL A 141 -5.57 -1.00 -3.80
C VAL A 141 -4.73 -0.63 -5.03
N ARG A 142 -4.75 0.64 -5.42
CA ARG A 142 -3.88 1.07 -6.51
C ARG A 142 -2.40 1.06 -6.11
N ASN A 143 -2.16 1.08 -4.79
CA ASN A 143 -0.81 1.07 -4.26
C ASN A 143 -0.44 -0.24 -3.56
N ILE A 144 -1.12 -1.32 -3.94
N ILE A 144 -1.10 -1.33 -3.95
CA ILE A 144 -0.80 -2.67 -3.51
CA ILE A 144 -0.74 -2.67 -3.50
C ILE A 144 -0.43 -3.42 -4.78
C ILE A 144 -0.50 -3.53 -4.72
N LEU A 145 0.64 -4.21 -4.73
CA LEU A 145 1.05 -5.02 -5.86
C LEU A 145 0.82 -6.49 -5.61
N VAL A 146 0.46 -7.20 -6.68
CA VAL A 146 0.19 -8.62 -6.60
C VAL A 146 1.46 -9.39 -6.98
N ALA A 147 2.16 -9.90 -5.98
CA ALA A 147 3.37 -10.68 -6.23
C ALA A 147 2.98 -12.03 -6.82
N SER A 148 1.91 -12.60 -6.30
CA SER A 148 1.33 -13.85 -6.78
C SER A 148 -0.11 -13.89 -6.28
N PRO A 149 -0.94 -14.79 -6.83
CA PRO A 149 -2.28 -14.88 -6.26
C PRO A 149 -2.30 -15.17 -4.75
N GLU A 150 -1.18 -15.69 -4.21
CA GLU A 150 -1.08 -16.04 -2.81
C GLU A 150 -0.51 -14.91 -1.96
N CYS A 151 -0.08 -13.82 -2.59
CA CYS A 151 0.71 -12.82 -1.85
C CYS A 151 0.62 -11.43 -2.42
N VAL A 152 0.13 -10.49 -1.60
CA VAL A 152 0.10 -9.09 -2.01
C VAL A 152 1.12 -8.30 -1.19
N LYS A 153 1.51 -7.14 -1.72
CA LYS A 153 2.56 -6.34 -1.09
C LYS A 153 2.23 -4.86 -1.12
N LEU A 154 2.27 -4.24 0.06
CA LEU A 154 2.01 -2.79 0.17
C LEU A 154 3.12 -2.02 -0.50
N GLY A 155 2.72 -0.97 -1.22
CA GLY A 155 3.66 -0.19 -2.01
C GLY A 155 4.34 0.96 -1.28
N ASP A 156 4.92 1.87 -2.06
CA ASP A 156 5.64 3.02 -1.51
C ASP A 156 4.80 3.93 -0.61
N PHE A 157 5.49 4.52 0.35
CA PHE A 157 4.92 5.49 1.27
C PHE A 157 4.29 6.65 0.49
N GLY A 158 3.22 7.19 1.07
CA GLY A 158 2.54 8.38 0.55
C GLY A 158 3.46 9.58 0.41
N LEU A 159 3.41 10.19 -0.77
CA LEU A 159 4.31 11.27 -1.22
C LEU A 159 4.32 12.51 -0.33
N SER A 160 3.22 12.75 0.37
CA SER A 160 3.07 13.95 1.19
C SER A 160 4.03 14.03 2.39
N ARG A 161 4.78 12.96 2.66
CA ARG A 161 5.78 13.01 3.73
C ARG A 161 7.07 13.74 3.32
N TYR A 162 7.16 14.15 2.06
CA TYR A 162 8.43 14.56 1.43
C TYR A 162 8.70 16.02 1.02
N ILE A 163 7.81 16.99 1.25
CA ILE A 163 6.63 16.89 2.09
C ILE A 163 5.37 17.26 1.30
N VAL A 173 -4.27 21.75 -1.79
CA VAL A 173 -4.54 20.87 -2.92
C VAL A 173 -3.23 20.33 -3.55
N THR A 174 -2.94 19.06 -3.28
CA THR A 174 -1.77 18.40 -3.86
C THR A 174 -2.21 17.14 -4.61
N ARG A 175 -3.50 17.09 -4.93
CA ARG A 175 -4.18 15.87 -5.39
C ARG A 175 -4.12 14.78 -4.31
N LEU A 176 -4.50 15.17 -3.10
CA LEU A 176 -4.57 14.29 -1.94
C LEU A 176 -5.64 13.23 -2.15
N PRO A 177 -5.43 12.01 -1.62
CA PRO A 177 -6.49 11.00 -1.78
C PRO A 177 -7.63 11.23 -0.77
N ILE A 178 -8.36 12.33 -0.94
CA ILE A 178 -9.42 12.71 0.00
C ILE A 178 -10.38 11.56 0.37
N LYS A 179 -10.77 10.77 -0.63
CA LYS A 179 -11.81 9.73 -0.45
C LYS A 179 -11.34 8.54 0.41
N TRP A 180 -10.05 8.52 0.71
CA TRP A 180 -9.40 7.46 1.51
C TRP A 180 -8.96 7.97 2.89
N MET A 181 -9.11 9.27 3.13
CA MET A 181 -8.45 9.91 4.27
C MET A 181 -9.31 10.13 5.52
N SER A 182 -8.67 10.06 6.68
CA SER A 182 -9.35 10.31 7.94
C SER A 182 -9.79 11.77 8.02
N PRO A 183 -10.84 12.06 8.80
CA PRO A 183 -11.28 13.46 8.97
C PRO A 183 -10.12 14.35 9.50
N GLU A 184 -9.30 13.84 10.42
CA GLU A 184 -8.22 14.68 10.97
C GLU A 184 -7.13 14.93 9.91
N SER A 185 -6.95 13.99 8.98
CA SER A 185 -6.04 14.19 7.85
C SER A 185 -6.57 15.25 6.89
N ILE A 186 -7.86 15.15 6.56
CA ILE A 186 -8.50 16.12 5.68
C ILE A 186 -8.51 17.51 6.32
N ASN A 187 -8.99 17.60 7.55
CA ASN A 187 -9.21 18.90 8.22
C ASN A 187 -7.98 19.56 8.80
N PHE A 188 -7.04 18.77 9.29
CA PHE A 188 -5.93 19.29 10.08
C PHE A 188 -4.58 18.75 9.66
N ARG A 189 -4.51 18.07 8.51
CA ARG A 189 -3.26 17.48 8.00
C ARG A 189 -2.54 16.63 9.06
N ARG A 190 -3.31 15.96 9.92
CA ARG A 190 -2.75 15.04 10.93
C ARG A 190 -2.64 13.64 10.29
N PHE A 191 -1.43 13.07 10.33
CA PHE A 191 -1.19 11.70 9.84
C PHE A 191 -0.51 10.91 10.93
N THR A 192 -1.22 9.90 11.43
CA THR A 192 -0.74 9.12 12.56
C THR A 192 -1.04 7.66 12.22
N THR A 193 -0.61 6.74 13.09
N THR A 193 -0.60 6.74 13.07
CA THR A 193 -0.93 5.32 12.92
CA THR A 193 -0.95 5.34 12.83
C THR A 193 -2.44 5.10 12.93
C THR A 193 -2.47 5.20 12.82
N ALA A 194 -3.17 5.91 13.71
CA ALA A 194 -4.65 5.88 13.71
C ALA A 194 -5.30 6.38 12.42
N SER A 195 -4.72 7.38 11.75
N SER A 195 -4.71 7.38 11.77
CA SER A 195 -5.25 7.80 10.42
CA SER A 195 -5.17 7.82 10.45
C SER A 195 -4.92 6.74 9.36
C SER A 195 -4.97 6.69 9.44
N ASP A 196 -3.83 6.01 9.57
CA ASP A 196 -3.52 4.83 8.74
C ASP A 196 -4.57 3.73 8.95
N VAL A 197 -5.04 3.56 10.19
CA VAL A 197 -6.10 2.55 10.46
C VAL A 197 -7.37 2.88 9.67
N TRP A 198 -7.78 4.16 9.71
CA TRP A 198 -8.92 4.65 8.91
C TRP A 198 -8.71 4.28 7.44
N MET A 199 -7.53 4.62 6.92
CA MET A 199 -7.26 4.43 5.51
C MET A 199 -7.25 2.92 5.18
N PHE A 200 -6.66 2.14 6.07
CA PHE A 200 -6.63 0.69 5.89
C PHE A 200 -8.04 0.11 5.74
N ALA A 201 -8.96 0.58 6.56
CA ALA A 201 -10.34 0.12 6.47
C ALA A 201 -10.96 0.53 5.13
N VAL A 202 -10.61 1.72 4.62
CA VAL A 202 -11.05 2.08 3.27
C VAL A 202 -10.47 1.08 2.24
N CYS A 203 -9.17 0.77 2.38
CA CYS A 203 -8.52 -0.25 1.54
C CYS A 203 -9.27 -1.61 1.62
N MET A 204 -9.62 -2.05 2.83
N MET A 204 -9.63 -2.04 2.83
CA MET A 204 -10.42 -3.27 2.95
CA MET A 204 -10.42 -3.26 2.98
C MET A 204 -11.74 -3.16 2.19
C MET A 204 -11.76 -3.18 2.23
N TRP A 205 -12.39 -2.01 2.30
CA TRP A 205 -13.65 -1.78 1.58
C TRP A 205 -13.39 -1.96 0.07
N GLU A 206 -12.31 -1.36 -0.44
CA GLU A 206 -11.96 -1.54 -1.86
C GLU A 206 -11.78 -3.03 -2.20
N ILE A 207 -11.03 -3.77 -1.39
CA ILE A 207 -10.76 -5.17 -1.67
C ILE A 207 -12.07 -5.97 -1.74
N LEU A 208 -12.93 -5.77 -0.74
N LEU A 208 -12.93 -5.80 -0.73
CA LEU A 208 -14.19 -6.53 -0.61
CA LEU A 208 -14.14 -6.59 -0.67
C LEU A 208 -15.26 -6.03 -1.58
C LEU A 208 -15.12 -6.18 -1.76
N SER A 209 -14.91 -4.97 -2.30
CA SER A 209 -15.74 -4.41 -3.39
C SER A 209 -15.11 -4.68 -4.76
N PHE A 210 -14.09 -5.57 -4.82
CA PHE A 210 -13.42 -5.91 -6.10
C PHE A 210 -12.88 -4.68 -6.82
N GLY A 211 -12.36 -3.75 -6.03
CA GLY A 211 -11.65 -2.58 -6.56
C GLY A 211 -12.44 -1.32 -6.87
N LYS A 212 -13.71 -1.25 -6.44
CA LYS A 212 -14.47 -0.01 -6.54
C LYS A 212 -13.76 1.12 -5.84
N GLN A 213 -13.94 2.32 -6.38
CA GLN A 213 -13.43 3.53 -5.78
C GLN A 213 -14.34 3.95 -4.60
N PRO A 214 -13.75 4.22 -3.42
CA PRO A 214 -14.60 4.67 -2.31
C PRO A 214 -15.26 6.00 -2.65
N PHE A 215 -16.51 6.17 -2.24
CA PHE A 215 -17.25 7.44 -2.48
C PHE A 215 -17.21 7.85 -3.96
N PHE A 216 -17.33 6.87 -4.84
CA PHE A 216 -17.29 7.11 -6.30
C PHE A 216 -18.46 8.02 -6.72
N TRP A 217 -19.49 8.07 -5.88
CA TRP A 217 -20.70 8.86 -6.17
C TRP A 217 -20.62 10.30 -5.68
N LEU A 218 -19.47 10.67 -5.10
CA LEU A 218 -19.22 12.01 -4.56
C LEU A 218 -18.05 12.70 -5.24
N GLU A 219 -18.07 14.03 -5.20
CA GLU A 219 -16.91 14.83 -5.54
C GLU A 219 -16.11 14.98 -4.25
N ASN A 220 -14.79 15.11 -4.39
CA ASN A 220 -13.89 15.24 -3.24
C ASN A 220 -14.37 16.24 -2.20
N LYS A 221 -14.82 17.41 -2.66
CA LYS A 221 -15.27 18.45 -1.75
C LYS A 221 -16.50 18.09 -0.91
N ASP A 222 -17.26 17.05 -1.31
CA ASP A 222 -18.47 16.60 -0.61
C ASP A 222 -18.14 15.68 0.56
N VAL A 223 -16.92 15.13 0.56
CA VAL A 223 -16.61 13.98 1.42
C VAL A 223 -16.63 14.31 2.91
N ILE A 224 -15.97 15.39 3.31
CA ILE A 224 -15.93 15.69 4.73
C ILE A 224 -17.33 15.97 5.34
N GLY A 225 -18.20 16.65 4.59
CA GLY A 225 -19.59 16.91 5.01
C GLY A 225 -20.32 15.61 5.32
N VAL A 226 -20.19 14.64 4.41
CA VAL A 226 -20.79 13.32 4.57
C VAL A 226 -20.25 12.62 5.84
N LEU A 227 -18.94 12.62 6.02
CA LEU A 227 -18.36 12.01 7.22
C LEU A 227 -18.81 12.64 8.53
N GLU A 228 -18.99 13.96 8.52
CA GLU A 228 -19.35 14.69 9.74
C GLU A 228 -20.77 14.38 10.21
N LYS A 229 -21.65 14.13 9.23
CA LYS A 229 -23.03 13.67 9.43
C LYS A 229 -23.09 12.26 10.01
N GLY A 230 -21.98 11.53 9.91
CA GLY A 230 -21.93 10.16 10.41
C GLY A 230 -22.16 9.12 9.34
N ASP A 231 -22.32 9.57 8.09
CA ASP A 231 -22.43 8.64 6.97
C ASP A 231 -21.07 8.00 6.68
N ARG A 232 -21.13 6.75 6.23
CA ARG A 232 -19.93 5.97 5.93
C ARG A 232 -20.12 5.18 4.65
N LEU A 233 -19.05 4.58 4.15
CA LEU A 233 -19.15 3.68 3.02
C LEU A 233 -20.08 2.53 3.36
N PRO A 234 -20.91 2.11 2.40
CA PRO A 234 -21.86 1.04 2.71
C PRO A 234 -21.18 -0.34 2.73
N LYS A 235 -21.87 -1.34 3.30
N LYS A 235 -21.83 -1.34 3.34
CA LYS A 235 -21.39 -2.72 3.26
CA LYS A 235 -21.27 -2.70 3.31
C LYS A 235 -21.29 -3.26 1.82
C LYS A 235 -21.27 -3.27 1.90
N PRO A 236 -20.08 -3.66 1.41
CA PRO A 236 -19.97 -4.33 0.11
C PRO A 236 -20.81 -5.61 0.12
N ASP A 237 -21.38 -5.93 -1.04
CA ASP A 237 -22.29 -7.08 -1.16
C ASP A 237 -21.72 -8.35 -0.53
N LEU A 238 -20.47 -8.68 -0.84
CA LEU A 238 -19.92 -9.94 -0.38
C LEU A 238 -19.06 -9.81 0.90
N CYS A 239 -19.06 -8.62 1.50
CA CYS A 239 -18.36 -8.39 2.75
C CYS A 239 -19.01 -9.17 3.90
N PRO A 240 -18.23 -10.03 4.58
CA PRO A 240 -18.72 -10.65 5.81
C PRO A 240 -19.15 -9.58 6.81
N PRO A 241 -20.35 -9.72 7.40
CA PRO A 241 -20.81 -8.68 8.32
C PRO A 241 -19.79 -8.34 9.42
N VAL A 242 -19.09 -9.35 9.96
CA VAL A 242 -18.05 -9.11 10.97
C VAL A 242 -16.99 -8.11 10.46
N LEU A 243 -16.61 -8.23 9.19
CA LEU A 243 -15.57 -7.33 8.65
C LEU A 243 -16.14 -5.93 8.48
N TYR A 244 -17.42 -5.81 8.16
CA TYR A 244 -17.99 -4.46 8.07
C TYR A 244 -18.04 -3.76 9.43
N THR A 245 -18.37 -4.51 10.48
CA THR A 245 -18.29 -3.98 11.83
C THR A 245 -16.86 -3.51 12.16
N LEU A 246 -15.87 -4.30 11.72
CA LEU A 246 -14.48 -3.95 11.92
C LEU A 246 -14.19 -2.62 11.23
N MET A 247 -14.59 -2.52 9.96
CA MET A 247 -14.41 -1.28 9.19
C MET A 247 -15.06 -0.11 9.93
N THR A 248 -16.28 -0.30 10.41
CA THR A 248 -16.96 0.83 11.07
C THR A 248 -16.23 1.31 12.32
N ARG A 249 -15.61 0.39 13.05
N ARG A 249 -15.60 0.40 13.06
CA ARG A 249 -14.78 0.76 14.22
CA ARG A 249 -14.80 0.82 14.22
C ARG A 249 -13.53 1.55 13.82
C ARG A 249 -13.57 1.62 13.78
N CYS A 250 -12.95 1.20 12.67
CA CYS A 250 -11.83 1.94 12.08
C CYS A 250 -12.17 3.33 11.58
N TRP A 251 -13.47 3.54 11.34
CA TRP A 251 -13.96 4.81 10.86
C TRP A 251 -14.61 5.63 11.96
N ASP A 252 -14.19 5.37 13.21
CA ASP A 252 -14.61 6.19 14.32
C ASP A 252 -14.03 7.58 14.06
N TYR A 253 -14.84 8.60 14.26
CA TYR A 253 -14.36 9.95 14.06
C TYR A 253 -13.19 10.28 15.02
N ASP A 254 -13.25 9.72 16.23
CA ASP A 254 -12.21 9.85 17.24
C ASP A 254 -11.06 8.85 17.01
N PRO A 255 -9.86 9.35 16.62
CA PRO A 255 -8.73 8.44 16.32
C PRO A 255 -8.38 7.51 17.49
N SER A 256 -8.57 7.99 18.71
N SER A 256 -8.55 7.99 18.71
CA SER A 256 -8.22 7.23 19.91
CA SER A 256 -8.20 7.21 19.90
C SER A 256 -9.12 6.03 20.17
C SER A 256 -9.11 6.00 20.14
N ASP A 257 -10.29 6.02 19.54
CA ASP A 257 -11.28 4.91 19.64
C ASP A 257 -11.12 3.83 18.56
N ARG A 258 -10.31 4.11 17.55
CA ARG A 258 -10.09 3.14 16.47
C ARG A 258 -9.24 1.99 17.00
N PRO A 259 -9.42 0.77 16.43
CA PRO A 259 -8.50 -0.30 16.78
C PRO A 259 -7.06 0.02 16.37
N ARG A 260 -6.09 -0.58 17.06
N ARG A 260 -6.09 -0.58 17.05
CA ARG A 260 -4.70 -0.58 16.61
CA ARG A 260 -4.71 -0.54 16.57
C ARG A 260 -4.55 -1.71 15.59
C ARG A 260 -4.50 -1.72 15.64
N PHE A 261 -3.53 -1.61 14.74
CA PHE A 261 -3.25 -2.69 13.79
C PHE A 261 -2.97 -4.04 14.45
N THR A 262 -2.34 -4.03 15.63
CA THR A 262 -2.14 -5.30 16.36
C THR A 262 -3.47 -5.99 16.63
N GLU A 263 -4.47 -5.22 17.06
CA GLU A 263 -5.81 -5.74 17.31
C GLU A 263 -6.48 -6.22 16.01
N LEU A 264 -6.32 -5.44 14.95
CA LEU A 264 -6.89 -5.81 13.66
C LEU A 264 -6.29 -7.11 13.11
N VAL A 265 -5.00 -7.33 13.28
CA VAL A 265 -4.41 -8.60 12.86
C VAL A 265 -5.09 -9.78 13.56
N CYS A 266 -5.33 -9.65 14.86
CA CYS A 266 -5.99 -10.71 15.64
C CYS A 266 -7.40 -10.94 15.11
N SER A 267 -8.11 -9.83 14.91
CA SER A 267 -9.48 -9.90 14.42
C SER A 267 -9.57 -10.53 13.03
N LEU A 268 -8.74 -10.06 12.10
CA LEU A 268 -8.71 -10.61 10.75
C LEU A 268 -8.27 -12.07 10.67
N SER A 269 -7.33 -12.47 11.54
CA SER A 269 -6.90 -13.87 11.58
C SER A 269 -8.06 -14.76 11.99
N ASP A 270 -8.83 -14.30 12.97
CA ASP A 270 -10.00 -15.05 13.44
C ASP A 270 -11.02 -15.18 12.32
N VAL A 271 -11.27 -14.08 11.62
CA VAL A 271 -12.24 -14.10 10.51
C VAL A 271 -11.79 -15.03 9.39
N TYR A 272 -10.50 -14.95 9.04
CA TYR A 272 -9.92 -15.78 8.03
C TYR A 272 -10.13 -17.25 8.36
N GLN A 273 -9.77 -17.64 9.59
CA GLN A 273 -9.92 -19.06 10.00
C GLN A 273 -11.40 -19.46 9.98
N MET A 274 -12.26 -18.55 10.44
CA MET A 274 -13.70 -18.83 10.40
C MET A 274 -14.25 -19.02 8.99
N GLU A 275 -13.87 -18.12 8.08
CA GLU A 275 -14.33 -18.21 6.70
C GLU A 275 -13.83 -19.48 6.00
N LYS A 276 -12.59 -19.88 6.30
CA LYS A 276 -12.00 -21.11 5.78
C LYS A 276 -12.82 -22.34 6.22
N ASP A 277 -13.22 -22.35 7.48
CA ASP A 277 -14.00 -23.46 8.04
C ASP A 277 -15.45 -23.49 7.55
N ILE A 278 -16.12 -22.33 7.60
CA ILE A 278 -17.48 -22.20 7.08
C ILE A 278 -17.57 -22.67 5.62
N ALA A 279 -16.52 -22.36 4.86
CA ALA A 279 -16.42 -22.71 3.45
C ALA A 279 -16.49 -24.21 3.18
N MET A 280 -15.92 -25.01 4.08
CA MET A 280 -15.89 -26.48 3.93
C MET A 280 -17.27 -27.10 4.05
N GLU A 281 -18.10 -26.49 4.90
CA GLU A 281 -19.47 -26.95 5.11
C GLU A 281 -20.44 -26.13 4.27
MG MG B . -16.10 7.80 20.67
C1 GOL C . 21.37 3.84 -19.21
O1 GOL C . 21.88 2.73 -18.51
C2 GOL C . 21.46 3.58 -20.70
O2 GOL C . 21.95 4.72 -21.36
C3 GOL C . 20.08 3.25 -21.24
O3 GOL C . 20.22 2.52 -22.43
#